data_2MTS
#
_entry.id   2MTS
#
_entity_poly.entity_id   1
_entity_poly.type   'polypeptide(L)'
_entity_poly.pdbx_seq_one_letter_code
;ALENLVVLNAASVAGAHGILSFLVFFSAAWYIKGRLAPGAAYAFYGVWPLLLLLLALPPRAYA
;
_entity_poly.pdbx_strand_id   A
#
# COMPACT_ATOMS: atom_id res chain seq x y z
N ALA A 1 13.28 -8.88 11.98
CA ALA A 1 14.41 -9.30 11.12
C ALA A 1 13.92 -9.52 9.70
N LEU A 2 12.61 -9.76 9.56
CA LEU A 2 12.02 -9.98 8.25
C LEU A 2 11.95 -8.67 7.47
N GLU A 3 12.12 -8.77 6.15
CA GLU A 3 12.08 -7.58 5.29
C GLU A 3 10.80 -7.55 4.47
N ASN A 4 10.76 -6.70 3.46
CA ASN A 4 9.59 -6.58 2.60
C ASN A 4 9.44 -7.82 1.74
N LEU A 5 10.48 -8.15 0.98
CA LEU A 5 10.42 -9.31 0.09
C LEU A 5 10.02 -10.56 0.86
N VAL A 6 9.91 -10.43 2.17
CA VAL A 6 9.52 -11.56 3.02
C VAL A 6 8.01 -11.58 3.22
N VAL A 7 7.44 -10.46 3.62
CA VAL A 7 6.01 -10.38 3.85
C VAL A 7 5.27 -10.15 2.55
N LEU A 8 5.97 -9.59 1.56
CA LEU A 8 5.38 -9.32 0.26
C LEU A 8 4.92 -10.62 -0.40
N ASN A 9 5.79 -11.63 -0.38
CA ASN A 9 5.46 -12.92 -0.98
C ASN A 9 4.29 -13.57 -0.24
N ALA A 10 4.36 -13.57 1.08
CA ALA A 10 3.30 -14.17 1.89
C ALA A 10 2.03 -13.31 1.82
N ALA A 11 2.22 -11.99 1.80
CA ALA A 11 1.10 -11.07 1.74
C ALA A 11 0.20 -11.40 0.55
N SER A 12 0.82 -11.65 -0.60
CA SER A 12 0.06 -11.97 -1.80
C SER A 12 -0.73 -13.27 -1.61
N VAL A 13 -0.11 -14.24 -0.97
CA VAL A 13 -0.77 -15.52 -0.73
C VAL A 13 -1.89 -15.36 0.30
N ALA A 14 -1.61 -14.61 1.35
CA ALA A 14 -2.59 -14.39 2.41
C ALA A 14 -3.87 -13.81 1.82
N GLY A 15 -3.75 -12.73 1.07
CA GLY A 15 -4.91 -12.08 0.45
C GLY A 15 -4.99 -10.62 0.87
N ALA A 16 -5.54 -10.38 2.06
CA ALA A 16 -5.69 -9.02 2.55
C ALA A 16 -4.38 -8.24 2.38
N HIS A 17 -3.36 -8.65 3.14
CA HIS A 17 -2.07 -7.99 3.06
C HIS A 17 -1.59 -7.90 1.62
N GLY A 18 -2.16 -8.73 0.75
CA GLY A 18 -1.79 -8.76 -0.65
C GLY A 18 -2.36 -7.54 -1.38
N ILE A 19 -3.66 -7.35 -1.27
CA ILE A 19 -4.32 -6.25 -1.95
C ILE A 19 -3.92 -4.92 -1.31
N LEU A 20 -3.48 -4.98 -0.06
CA LEU A 20 -3.04 -3.78 0.65
C LEU A 20 -1.75 -3.24 0.05
N SER A 21 -0.83 -4.16 -0.26
CA SER A 21 0.45 -3.77 -0.84
C SER A 21 0.25 -3.12 -2.20
N PHE A 22 -0.82 -3.51 -2.88
CA PHE A 22 -1.13 -2.97 -4.21
C PHE A 22 -1.43 -1.49 -4.10
N LEU A 23 -1.61 -1.00 -2.88
CA LEU A 23 -1.91 0.41 -2.65
C LEU A 23 -1.06 1.29 -3.58
N VAL A 24 0.20 0.90 -3.76
CA VAL A 24 1.10 1.66 -4.62
C VAL A 24 0.72 1.48 -6.08
N PHE A 25 0.34 0.26 -6.44
CA PHE A 25 -0.04 -0.03 -7.82
C PHE A 25 -1.42 0.54 -8.13
N PHE A 26 -2.25 0.65 -7.11
CA PHE A 26 -3.60 1.19 -7.28
C PHE A 26 -3.56 2.67 -7.63
N SER A 27 -2.70 3.41 -6.94
CA SER A 27 -2.56 4.84 -7.19
C SER A 27 -2.48 5.12 -8.68
N ALA A 28 -1.72 4.30 -9.39
CA ALA A 28 -1.56 4.48 -10.84
C ALA A 28 -2.80 3.96 -11.58
N ALA A 29 -3.38 2.89 -11.07
CA ALA A 29 -4.56 2.31 -11.69
C ALA A 29 -5.69 3.34 -11.77
N TRP A 30 -5.83 4.13 -10.71
CA TRP A 30 -6.87 5.15 -10.67
C TRP A 30 -6.57 6.26 -11.67
N TYR A 31 -5.28 6.55 -11.86
CA TYR A 31 -4.86 7.60 -12.77
C TYR A 31 -5.34 7.31 -14.19
N ILE A 32 -5.59 6.03 -14.46
CA ILE A 32 -6.04 5.61 -15.78
C ILE A 32 -7.17 6.51 -16.28
N LYS A 33 -8.18 6.69 -15.43
CA LYS A 33 -9.32 7.52 -15.80
C LYS A 33 -8.88 8.98 -15.97
N GLY A 34 -8.17 9.51 -14.99
CA GLY A 34 -7.67 10.87 -15.07
C GLY A 34 -8.73 11.86 -14.59
N ARG A 35 -9.40 11.53 -13.50
CA ARG A 35 -10.43 12.40 -12.94
C ARG A 35 -10.43 12.32 -11.42
N LEU A 36 -9.63 11.42 -10.87
CA LEU A 36 -9.56 11.24 -9.43
C LEU A 36 -10.41 12.28 -8.72
N ALA A 37 -11.72 12.15 -8.83
CA ALA A 37 -12.62 13.09 -8.17
C ALA A 37 -11.93 13.80 -7.02
N PRO A 38 -11.34 14.93 -7.28
CA PRO A 38 -10.62 15.73 -6.25
C PRO A 38 -11.49 16.01 -5.03
N GLY A 39 -10.84 16.15 -3.88
CA GLY A 39 -11.56 16.41 -2.64
C GLY A 39 -11.16 15.42 -1.55
N ALA A 40 -11.65 14.19 -1.66
CA ALA A 40 -11.32 13.16 -0.69
C ALA A 40 -10.05 12.43 -1.09
N ALA A 41 -10.14 11.60 -2.12
CA ALA A 41 -8.98 10.85 -2.59
C ALA A 41 -7.77 11.77 -2.74
N TYR A 42 -8.02 13.08 -2.69
CA TYR A 42 -6.95 14.05 -2.82
C TYR A 42 -6.31 14.34 -1.47
N ALA A 43 -7.14 14.62 -0.47
CA ALA A 43 -6.65 14.90 0.87
C ALA A 43 -6.00 13.66 1.48
N PHE A 44 -6.57 12.50 1.18
CA PHE A 44 -6.05 11.24 1.71
C PHE A 44 -4.53 11.20 1.60
N TYR A 45 -4.00 11.71 0.49
CA TYR A 45 -2.57 11.73 0.28
C TYR A 45 -1.85 12.31 1.50
N GLY A 46 -2.63 12.87 2.42
CA GLY A 46 -2.07 13.47 3.62
C GLY A 46 -1.36 12.41 4.47
N VAL A 47 -1.91 11.21 4.48
CA VAL A 47 -1.33 10.11 5.26
C VAL A 47 -1.58 8.78 4.58
N TRP A 48 -1.79 8.81 3.27
CA TRP A 48 -2.04 7.59 2.50
C TRP A 48 -0.73 6.89 2.20
N PRO A 49 0.27 7.63 1.81
CA PRO A 49 1.62 7.07 1.48
C PRO A 49 2.34 6.53 2.72
N LEU A 50 1.83 6.90 3.89
CA LEU A 50 2.45 6.47 5.14
C LEU A 50 2.40 4.94 5.25
N LEU A 51 1.33 4.35 4.73
CA LEU A 51 1.16 2.90 4.80
C LEU A 51 2.29 2.20 4.05
N LEU A 52 3.12 2.98 3.37
CA LEU A 52 4.22 2.42 2.60
C LEU A 52 5.21 1.71 3.53
N LEU A 53 5.61 2.40 4.58
CA LEU A 53 6.57 1.84 5.53
C LEU A 53 5.86 0.98 6.57
N LEU A 54 4.54 1.13 6.64
CA LEU A 54 3.75 0.35 7.60
C LEU A 54 3.57 -1.08 7.13
N LEU A 55 2.98 -1.23 5.93
CA LEU A 55 2.74 -2.56 5.39
C LEU A 55 4.03 -3.18 4.85
N ALA A 56 4.86 -2.34 4.23
CA ALA A 56 6.10 -2.82 3.64
C ALA A 56 6.68 -3.96 4.46
N LEU A 57 6.85 -3.72 5.77
CA LEU A 57 7.37 -4.74 6.66
C LEU A 57 6.29 -5.23 7.62
N PRO A 58 6.44 -6.42 8.13
CA PRO A 58 5.49 -7.01 9.10
C PRO A 58 5.69 -6.47 10.51
N PRO A 59 4.72 -6.64 11.37
CA PRO A 59 4.80 -6.18 12.79
C PRO A 59 6.12 -6.58 13.45
N ARG A 60 6.55 -7.81 13.20
CA ARG A 60 7.80 -8.30 13.76
C ARG A 60 8.99 -7.56 13.16
N ALA A 61 8.86 -6.25 13.00
CA ALA A 61 9.92 -5.45 12.42
C ALA A 61 10.31 -4.32 13.37
N TYR A 62 11.62 -4.18 13.61
CA TYR A 62 12.11 -3.13 14.49
C TYR A 62 11.90 -1.76 13.87
N ALA A 63 11.40 -1.74 12.64
CA ALA A 63 11.15 -0.48 11.94
C ALA A 63 10.08 0.33 12.66
N ALA A 1 7.03 -14.25 7.69
CA ALA A 1 6.53 -12.85 7.70
C ALA A 1 7.43 -12.00 8.59
N LEU A 2 8.71 -11.91 8.24
CA LEU A 2 9.66 -11.13 9.03
C LEU A 2 9.66 -9.67 8.60
N GLU A 3 10.62 -9.28 7.77
CA GLU A 3 10.72 -7.90 7.30
C GLU A 3 9.69 -7.64 6.21
N ASN A 4 10.10 -6.92 5.16
CA ASN A 4 9.20 -6.59 4.06
C ASN A 4 9.64 -7.31 2.78
N LEU A 5 10.95 -7.47 2.61
CA LEU A 5 11.49 -8.13 1.42
C LEU A 5 10.78 -9.45 1.13
N VAL A 6 11.44 -10.57 1.44
CA VAL A 6 10.86 -11.88 1.20
C VAL A 6 9.40 -11.92 1.64
N VAL A 7 9.08 -11.14 2.65
CA VAL A 7 7.73 -11.09 3.17
C VAL A 7 6.76 -10.58 2.11
N LEU A 8 7.18 -9.54 1.38
CA LEU A 8 6.32 -8.98 0.33
C LEU A 8 6.06 -10.03 -0.74
N ASN A 9 7.10 -10.76 -1.13
CA ASN A 9 6.98 -11.80 -2.16
C ASN A 9 6.29 -13.04 -1.60
N ALA A 10 6.56 -13.33 -0.33
CA ALA A 10 5.97 -14.51 0.32
C ALA A 10 4.48 -14.26 0.57
N ALA A 11 4.18 -13.49 1.61
CA ALA A 11 2.80 -13.21 1.96
C ALA A 11 1.96 -12.88 0.72
N SER A 12 2.63 -12.60 -0.39
CA SER A 12 1.95 -12.28 -1.64
C SER A 12 1.00 -13.41 -2.04
N VAL A 13 1.45 -14.65 -1.82
CA VAL A 13 0.64 -15.82 -2.17
C VAL A 13 -0.15 -16.31 -0.95
N ALA A 14 0.48 -16.24 0.22
CA ALA A 14 -0.16 -16.69 1.45
C ALA A 14 -1.59 -16.15 1.54
N GLY A 15 -1.78 -14.92 1.09
CA GLY A 15 -3.11 -14.28 1.13
C GLY A 15 -3.16 -13.20 2.18
N ALA A 16 -2.26 -13.28 3.16
CA ALA A 16 -2.23 -12.29 4.23
C ALA A 16 -2.07 -10.89 3.66
N HIS A 17 -1.08 -10.72 2.78
CA HIS A 17 -0.84 -9.42 2.15
C HIS A 17 -1.40 -9.42 0.73
N GLY A 18 -2.22 -10.42 0.42
CA GLY A 18 -2.84 -10.52 -0.91
C GLY A 18 -3.84 -9.39 -1.12
N ILE A 19 -4.71 -9.21 -0.13
CA ILE A 19 -5.71 -8.16 -0.21
C ILE A 19 -5.05 -6.78 -0.14
N LEU A 20 -3.97 -6.69 0.61
CA LEU A 20 -3.24 -5.43 0.76
C LEU A 20 -2.37 -5.17 -0.47
N SER A 21 -1.98 -6.24 -1.15
CA SER A 21 -1.14 -6.12 -2.34
C SER A 21 -1.81 -5.26 -3.40
N PHE A 22 -3.10 -5.48 -3.61
CA PHE A 22 -3.85 -4.72 -4.62
C PHE A 22 -3.87 -3.23 -4.26
N LEU A 23 -3.84 -2.91 -2.98
CA LEU A 23 -3.88 -1.52 -2.54
C LEU A 23 -2.86 -0.69 -3.32
N VAL A 24 -1.69 -1.27 -3.56
CA VAL A 24 -0.64 -0.55 -4.29
C VAL A 24 -1.11 -0.26 -5.72
N PHE A 25 -1.91 -1.16 -6.27
CA PHE A 25 -2.41 -1.00 -7.63
C PHE A 25 -3.32 0.23 -7.74
N PHE A 26 -4.11 0.49 -6.69
CA PHE A 26 -5.01 1.63 -6.70
C PHE A 26 -4.23 2.92 -6.94
N SER A 27 -3.09 3.07 -6.28
CA SER A 27 -2.29 4.28 -6.43
C SER A 27 -2.19 4.67 -7.91
N ALA A 28 -1.92 3.69 -8.75
CA ALA A 28 -1.81 3.93 -10.19
C ALA A 28 -3.19 3.96 -10.85
N ALA A 29 -4.07 3.07 -10.42
CA ALA A 29 -5.41 2.99 -10.99
C ALA A 29 -6.07 4.38 -11.05
N TRP A 30 -5.81 5.20 -10.03
CA TRP A 30 -6.39 6.52 -9.97
C TRP A 30 -5.98 7.35 -11.19
N TYR A 31 -4.78 7.13 -11.68
CA TYR A 31 -4.29 7.86 -12.85
C TYR A 31 -5.11 7.51 -14.09
N ILE A 32 -5.36 6.22 -14.28
CA ILE A 32 -6.12 5.75 -15.44
C ILE A 32 -7.52 6.36 -15.45
N LYS A 33 -8.17 6.38 -14.30
CA LYS A 33 -9.51 6.95 -14.21
C LYS A 33 -9.49 8.47 -14.38
N GLY A 34 -8.77 9.14 -13.49
CA GLY A 34 -8.65 10.60 -13.55
C GLY A 34 -10.03 11.28 -13.52
N ARG A 35 -11.09 10.50 -13.70
CA ARG A 35 -12.45 11.04 -13.70
C ARG A 35 -12.88 11.45 -12.29
N LEU A 36 -11.89 11.66 -11.42
CA LEU A 36 -12.16 12.07 -10.05
C LEU A 36 -11.29 13.26 -9.67
N ALA A 37 -11.94 14.35 -9.24
CA ALA A 37 -11.21 15.54 -8.86
C ALA A 37 -10.37 15.27 -7.62
N PRO A 38 -9.37 16.07 -7.38
CA PRO A 38 -8.47 15.91 -6.20
C PRO A 38 -9.23 16.15 -4.89
N GLY A 39 -9.22 17.39 -4.41
CA GLY A 39 -9.92 17.74 -3.17
C GLY A 39 -9.55 16.79 -2.03
N ALA A 40 -10.18 15.61 -2.04
CA ALA A 40 -9.92 14.60 -1.03
C ALA A 40 -8.50 14.05 -1.17
N ALA A 41 -7.97 14.13 -2.39
CA ALA A 41 -6.63 13.63 -2.66
C ALA A 41 -5.59 14.55 -2.06
N TYR A 42 -6.04 15.72 -1.61
CA TYR A 42 -5.14 16.70 -1.02
C TYR A 42 -4.53 16.15 0.26
N ALA A 43 -5.36 16.05 1.30
CA ALA A 43 -4.89 15.55 2.59
C ALA A 43 -4.81 14.02 2.58
N PHE A 44 -5.97 13.36 2.70
CA PHE A 44 -6.03 11.89 2.72
C PHE A 44 -4.82 11.25 2.05
N TYR A 45 -4.92 11.02 0.74
CA TYR A 45 -3.82 10.42 0.00
C TYR A 45 -2.52 11.20 0.24
N GLY A 46 -2.67 12.50 0.50
CA GLY A 46 -1.51 13.35 0.74
C GLY A 46 -0.51 12.68 1.68
N VAL A 47 -0.97 11.63 2.37
CA VAL A 47 -0.12 10.90 3.32
C VAL A 47 0.39 9.60 2.70
N TRP A 48 1.10 9.72 1.59
CA TRP A 48 1.66 8.55 0.91
C TRP A 48 2.74 7.88 1.78
N PRO A 49 3.76 8.61 2.18
CA PRO A 49 4.89 8.05 3.00
C PRO A 49 4.40 7.53 4.36
N LEU A 50 3.20 7.93 4.76
CA LEU A 50 2.64 7.48 6.05
C LEU A 50 1.73 6.27 5.84
N LEU A 51 0.87 6.35 4.82
CA LEU A 51 -0.06 5.25 4.54
C LEU A 51 0.71 3.98 4.22
N LEU A 52 1.94 4.14 3.76
CA LEU A 52 2.77 2.98 3.43
C LEU A 52 3.18 2.22 4.69
N LEU A 53 2.66 2.64 5.84
CA LEU A 53 2.97 1.97 7.10
C LEU A 53 2.36 0.56 7.13
N LEU A 54 1.18 0.43 6.55
CA LEU A 54 0.49 -0.85 6.52
C LEU A 54 1.20 -1.83 5.60
N LEU A 55 2.29 -1.38 4.98
CA LEU A 55 3.05 -2.24 4.07
C LEU A 55 4.54 -2.23 4.47
N ALA A 56 5.14 -1.06 4.52
CA ALA A 56 6.54 -0.93 4.87
C ALA A 56 6.75 -1.05 6.38
N LEU A 57 5.67 -0.81 7.14
CA LEU A 57 5.75 -0.88 8.61
C LEU A 57 4.79 -1.95 9.14
N PRO A 58 5.04 -3.21 8.84
CA PRO A 58 4.18 -4.35 9.30
C PRO A 58 4.20 -4.48 10.83
N PRO A 59 3.26 -5.21 11.38
CA PRO A 59 3.17 -5.43 12.86
C PRO A 59 4.45 -6.05 13.43
N ARG A 60 4.78 -7.26 12.95
CA ARG A 60 5.98 -7.94 13.43
C ARG A 60 7.23 -7.07 13.25
N ALA A 61 7.69 -6.97 12.01
CA ALA A 61 8.87 -6.18 11.71
C ALA A 61 8.53 -4.69 11.72
N TYR A 62 9.51 -3.86 11.41
CA TYR A 62 9.29 -2.41 11.38
C TYR A 62 10.41 -1.72 10.60
N ALA A 63 10.02 -0.97 9.57
CA ALA A 63 11.00 -0.26 8.75
C ALA A 63 11.44 1.02 9.44
N ALA A 1 12.09 -12.61 14.15
CA ALA A 1 12.99 -13.58 13.48
C ALA A 1 12.94 -13.38 11.97
N LEU A 2 11.80 -13.70 11.35
CA LEU A 2 11.65 -13.53 9.91
C LEU A 2 11.15 -12.13 9.59
N GLU A 3 12.08 -11.26 9.20
CA GLU A 3 11.76 -9.87 8.84
C GLU A 3 12.26 -9.56 7.45
N ASN A 4 11.83 -8.41 6.91
CA ASN A 4 12.23 -7.97 5.57
C ASN A 4 11.38 -8.65 4.49
N LEU A 5 12.01 -9.34 3.56
CA LEU A 5 11.30 -10.01 2.46
C LEU A 5 10.23 -10.98 2.97
N VAL A 6 9.97 -10.97 4.27
CA VAL A 6 8.97 -11.87 4.85
C VAL A 6 7.57 -11.50 4.39
N VAL A 7 7.26 -10.21 4.45
CA VAL A 7 5.94 -9.71 4.06
C VAL A 7 5.67 -9.92 2.57
N LEU A 8 6.67 -9.68 1.75
CA LEU A 8 6.49 -9.82 0.31
C LEU A 8 5.77 -11.12 -0.04
N ASN A 9 6.46 -12.25 0.14
CA ASN A 9 5.89 -13.55 -0.17
C ASN A 9 4.72 -13.89 0.75
N ALA A 10 4.92 -13.68 2.05
CA ALA A 10 3.87 -13.98 3.03
C ALA A 10 2.58 -13.27 2.66
N ALA A 11 2.67 -11.98 2.35
CA ALA A 11 1.50 -11.21 1.99
C ALA A 11 0.80 -11.80 0.77
N SER A 12 1.60 -12.20 -0.23
CA SER A 12 1.04 -12.79 -1.43
C SER A 12 0.34 -14.10 -1.12
N VAL A 13 0.98 -14.92 -0.29
CA VAL A 13 0.41 -16.21 0.09
C VAL A 13 -0.82 -16.01 0.99
N ALA A 14 -0.69 -15.07 1.93
CA ALA A 14 -1.78 -14.80 2.86
C ALA A 14 -3.12 -14.74 2.12
N GLY A 15 -3.21 -13.85 1.13
CA GLY A 15 -4.44 -13.70 0.34
C GLY A 15 -4.89 -12.24 0.31
N ALA A 16 -5.72 -11.86 1.27
CA ALA A 16 -6.23 -10.49 1.33
C ALA A 16 -5.08 -9.49 1.46
N HIS A 17 -4.09 -9.83 2.27
CA HIS A 17 -2.94 -8.95 2.47
C HIS A 17 -2.28 -8.61 1.13
N GLY A 18 -2.78 -9.20 0.06
CA GLY A 18 -2.26 -8.94 -1.28
C GLY A 18 -2.71 -7.56 -1.79
N ILE A 19 -4.01 -7.32 -1.72
CA ILE A 19 -4.58 -6.05 -2.16
C ILE A 19 -3.76 -4.88 -1.64
N LEU A 20 -2.95 -5.14 -0.63
CA LEU A 20 -2.12 -4.10 -0.05
C LEU A 20 -1.10 -3.61 -1.07
N SER A 21 -0.50 -4.56 -1.80
CA SER A 21 0.49 -4.22 -2.81
C SER A 21 -0.18 -3.55 -4.01
N PHE A 22 -1.34 -4.08 -4.39
CA PHE A 22 -2.08 -3.53 -5.52
C PHE A 22 -2.57 -2.13 -5.22
N LEU A 23 -2.55 -1.77 -3.94
CA LEU A 23 -3.01 -0.45 -3.51
C LEU A 23 -2.31 0.64 -4.33
N VAL A 24 -1.05 0.41 -4.67
CA VAL A 24 -0.28 1.38 -5.45
C VAL A 24 -0.76 1.37 -6.91
N PHE A 25 -1.04 0.18 -7.43
CA PHE A 25 -1.50 0.05 -8.80
C PHE A 25 -2.85 0.74 -9.00
N PHE A 26 -3.77 0.52 -8.07
CA PHE A 26 -5.09 1.14 -8.16
C PHE A 26 -4.98 2.64 -7.99
N SER A 27 -4.17 3.08 -7.02
CA SER A 27 -4.00 4.50 -6.76
C SER A 27 -3.60 5.23 -8.04
N ALA A 28 -2.68 4.64 -8.79
CA ALA A 28 -2.24 5.25 -10.05
C ALA A 28 -3.30 5.08 -11.12
N ALA A 29 -3.92 3.91 -11.16
CA ALA A 29 -4.96 3.63 -12.15
C ALA A 29 -6.13 4.59 -12.00
N TRP A 30 -6.65 4.71 -10.78
CA TRP A 30 -7.78 5.60 -10.52
C TRP A 30 -7.47 7.00 -11.03
N TYR A 31 -6.19 7.35 -11.08
CA TYR A 31 -5.78 8.67 -11.55
C TYR A 31 -5.96 8.79 -13.06
N ILE A 32 -6.10 7.65 -13.74
CA ILE A 32 -6.25 7.66 -15.19
C ILE A 32 -7.39 8.58 -15.61
N LYS A 33 -8.56 8.42 -14.98
CA LYS A 33 -9.71 9.23 -15.31
C LYS A 33 -9.42 10.70 -14.99
N GLY A 34 -8.86 10.97 -13.82
CA GLY A 34 -8.55 12.34 -13.41
C GLY A 34 -9.63 12.90 -12.50
N ARG A 35 -10.51 12.02 -12.04
CA ARG A 35 -11.58 12.44 -11.15
C ARG A 35 -11.06 12.58 -9.72
N LEU A 36 -9.86 12.04 -9.48
CA LEU A 36 -9.26 12.12 -8.15
C LEU A 36 -8.75 13.53 -7.89
N ALA A 37 -9.16 14.47 -8.72
CA ALA A 37 -8.73 15.86 -8.57
C ALA A 37 -8.87 16.31 -7.12
N PRO A 38 -8.53 17.54 -6.82
CA PRO A 38 -8.63 18.08 -5.43
C PRO A 38 -10.07 18.03 -4.91
N GLY A 39 -10.21 17.84 -3.60
CA GLY A 39 -11.55 17.79 -2.99
C GLY A 39 -11.53 16.91 -1.74
N ALA A 40 -12.46 15.96 -1.69
CA ALA A 40 -12.56 15.05 -0.54
C ALA A 40 -11.83 13.74 -0.82
N ALA A 41 -11.44 13.55 -2.07
CA ALA A 41 -10.74 12.32 -2.47
C ALA A 41 -9.25 12.41 -2.16
N TYR A 42 -8.54 13.21 -2.93
CA TYR A 42 -7.10 13.37 -2.74
C TYR A 42 -6.78 13.60 -1.25
N ALA A 43 -7.79 14.04 -0.50
CA ALA A 43 -7.61 14.31 0.91
C ALA A 43 -7.12 13.07 1.65
N PHE A 44 -8.06 12.24 2.11
CA PHE A 44 -7.70 11.02 2.81
C PHE A 44 -6.96 10.05 1.91
N TYR A 45 -7.48 9.87 0.70
CA TYR A 45 -6.87 8.96 -0.26
C TYR A 45 -5.43 9.37 -0.55
N GLY A 46 -5.08 10.60 -0.20
CA GLY A 46 -3.73 11.09 -0.42
C GLY A 46 -2.74 10.44 0.54
N VAL A 47 -3.12 9.28 1.08
CA VAL A 47 -2.26 8.55 2.02
C VAL A 47 -1.52 7.42 1.29
N TRP A 48 -0.55 7.79 0.46
CA TRP A 48 0.25 6.82 -0.28
C TRP A 48 1.62 6.60 0.38
N PRO A 49 2.22 7.62 0.98
CA PRO A 49 3.57 7.47 1.60
C PRO A 49 3.52 6.77 2.96
N LEU A 50 2.36 6.84 3.62
CA LEU A 50 2.22 6.20 4.93
C LEU A 50 2.08 4.68 4.77
N LEU A 51 1.25 4.26 3.83
CA LEU A 51 1.06 2.83 3.58
C LEU A 51 2.33 2.20 3.01
N LEU A 52 2.92 2.84 2.01
CA LEU A 52 4.12 2.31 1.37
C LEU A 52 5.20 2.00 2.41
N LEU A 53 5.21 2.76 3.50
CA LEU A 53 6.20 2.53 4.55
C LEU A 53 5.95 1.17 5.21
N LEU A 54 4.68 0.90 5.49
CA LEU A 54 4.31 -0.36 6.14
C LEU A 54 4.67 -1.55 5.25
N LEU A 55 4.35 -1.45 3.97
CA LEU A 55 4.65 -2.52 3.03
C LEU A 55 6.15 -2.64 2.80
N ALA A 56 6.83 -1.49 2.74
CA ALA A 56 8.26 -1.47 2.50
C ALA A 56 9.00 -2.33 3.52
N LEU A 57 8.46 -2.43 4.73
CA LEU A 57 9.09 -3.24 5.78
C LEU A 57 8.06 -3.69 6.81
N PRO A 58 8.25 -4.86 7.40
CA PRO A 58 7.29 -5.40 8.42
C PRO A 58 7.26 -4.55 9.70
N PRO A 59 6.34 -4.82 10.61
CA PRO A 59 6.23 -4.07 11.91
C PRO A 59 7.52 -4.17 12.73
N ARG A 60 8.36 -5.16 12.40
CA ARG A 60 9.62 -5.36 13.13
C ARG A 60 9.38 -5.27 14.64
N ALA A 61 9.53 -4.05 15.18
CA ALA A 61 9.34 -3.80 16.62
C ALA A 61 8.51 -4.91 17.29
N TYR A 62 9.20 -5.92 17.81
CA TYR A 62 8.54 -7.05 18.47
C TYR A 62 8.42 -6.80 19.98
N ALA A 63 7.36 -6.11 20.36
CA ALA A 63 7.12 -5.82 21.77
C ALA A 63 6.61 -7.06 22.49
N ALA A 1 13.64 -8.58 10.53
CA ALA A 1 14.71 -7.85 9.80
C ALA A 1 14.80 -8.35 8.37
N LEU A 2 13.90 -9.27 8.02
CA LEU A 2 13.88 -9.84 6.66
C LEU A 2 12.68 -9.30 5.88
N GLU A 3 12.85 -8.14 5.25
CA GLU A 3 11.77 -7.53 4.45
C GLU A 3 12.01 -7.77 2.96
N ASN A 4 11.27 -7.03 2.13
CA ASN A 4 11.39 -7.15 0.68
C ASN A 4 10.75 -8.46 0.21
N LEU A 5 11.27 -9.58 0.69
CA LEU A 5 10.75 -10.89 0.32
C LEU A 5 9.37 -11.11 0.93
N VAL A 6 9.15 -10.50 2.10
CA VAL A 6 7.87 -10.66 2.79
C VAL A 6 6.72 -10.22 1.89
N VAL A 7 6.87 -9.08 1.23
CA VAL A 7 5.83 -8.58 0.36
C VAL A 7 5.31 -9.69 -0.55
N LEU A 8 6.19 -10.64 -0.87
CA LEU A 8 5.80 -11.76 -1.73
C LEU A 8 5.36 -12.96 -0.89
N ASN A 9 6.23 -13.42 0.00
CA ASN A 9 5.92 -14.56 0.84
C ASN A 9 4.78 -14.25 1.82
N ALA A 10 4.94 -13.20 2.61
CA ALA A 10 3.92 -12.81 3.57
C ALA A 10 2.58 -12.60 2.88
N ALA A 11 2.58 -11.74 1.87
CA ALA A 11 1.35 -11.45 1.14
C ALA A 11 0.71 -12.74 0.63
N SER A 12 1.54 -13.65 0.14
CA SER A 12 1.05 -14.92 -0.37
C SER A 12 0.41 -15.74 0.75
N VAL A 13 1.09 -15.79 1.90
CA VAL A 13 0.58 -16.55 3.03
C VAL A 13 -0.58 -15.82 3.70
N ALA A 14 -0.34 -14.59 4.15
CA ALA A 14 -1.37 -13.81 4.82
C ALA A 14 -2.54 -13.53 3.88
N GLY A 15 -2.24 -12.89 2.75
CA GLY A 15 -3.27 -12.56 1.75
C GLY A 15 -3.73 -11.12 1.91
N ALA A 16 -3.74 -10.64 3.16
CA ALA A 16 -4.16 -9.27 3.42
C ALA A 16 -3.14 -8.28 2.89
N HIS A 17 -1.90 -8.40 3.34
CA HIS A 17 -0.84 -7.50 2.90
C HIS A 17 -0.80 -7.44 1.37
N GLY A 18 -1.57 -8.29 0.72
CA GLY A 18 -1.61 -8.30 -0.74
C GLY A 18 -2.20 -7.01 -1.28
N ILE A 19 -3.43 -6.71 -0.88
CA ILE A 19 -4.10 -5.49 -1.35
C ILE A 19 -3.25 -4.27 -1.04
N LEU A 20 -2.38 -4.38 -0.03
CA LEU A 20 -1.51 -3.28 0.34
C LEU A 20 -0.42 -3.11 -0.72
N SER A 21 0.10 -4.23 -1.20
CA SER A 21 1.16 -4.19 -2.22
C SER A 21 0.61 -3.60 -3.52
N PHE A 22 -0.60 -4.03 -3.90
CA PHE A 22 -1.22 -3.53 -5.12
C PHE A 22 -1.84 -2.15 -4.91
N LEU A 23 -2.05 -1.78 -3.65
CA LEU A 23 -2.63 -0.48 -3.35
C LEU A 23 -1.90 0.61 -4.11
N VAL A 24 -0.59 0.42 -4.30
CA VAL A 24 0.21 1.37 -5.04
C VAL A 24 -0.03 1.20 -6.54
N PHE A 25 -0.20 -0.06 -6.95
CA PHE A 25 -0.43 -0.37 -8.35
C PHE A 25 -1.71 0.31 -8.83
N PHE A 26 -2.78 0.17 -8.04
CA PHE A 26 -4.06 0.78 -8.39
C PHE A 26 -3.92 2.29 -8.51
N SER A 27 -2.95 2.85 -7.80
CA SER A 27 -2.74 4.29 -7.84
C SER A 27 -2.63 4.76 -9.28
N ALA A 28 -1.93 4.00 -10.10
CA ALA A 28 -1.79 4.33 -11.51
C ALA A 28 -3.05 3.99 -12.28
N ALA A 29 -3.68 2.87 -11.92
CA ALA A 29 -4.90 2.43 -12.60
C ALA A 29 -5.99 3.49 -12.49
N TRP A 30 -6.29 3.90 -11.26
CA TRP A 30 -7.34 4.91 -11.04
C TRP A 30 -7.03 6.20 -11.80
N TYR A 31 -5.75 6.40 -12.11
CA TYR A 31 -5.34 7.60 -12.84
C TYR A 31 -5.76 7.50 -14.31
N ILE A 32 -6.12 6.29 -14.74
CA ILE A 32 -6.51 6.08 -16.13
C ILE A 32 -7.76 6.89 -16.49
N LYS A 33 -8.75 6.88 -15.60
CA LYS A 33 -9.99 7.62 -15.84
C LYS A 33 -9.74 9.12 -15.74
N GLY A 34 -9.23 9.56 -14.59
CA GLY A 34 -8.96 10.98 -14.36
C GLY A 34 -9.82 11.51 -13.22
N ARG A 35 -10.25 10.62 -12.33
CA ARG A 35 -11.07 11.01 -11.20
C ARG A 35 -10.20 11.59 -10.08
N LEU A 36 -9.51 12.69 -10.40
CA LEU A 36 -8.64 13.34 -9.42
C LEU A 36 -8.86 14.85 -9.46
N ALA A 37 -9.18 15.42 -8.30
CA ALA A 37 -9.40 16.85 -8.20
C ALA A 37 -9.36 17.30 -6.74
N PRO A 38 -9.31 18.59 -6.50
CA PRO A 38 -9.28 19.13 -5.11
C PRO A 38 -10.33 18.48 -4.21
N GLY A 39 -9.89 17.61 -3.31
CA GLY A 39 -10.80 16.93 -2.38
C GLY A 39 -10.50 15.43 -2.31
N ALA A 40 -10.37 14.80 -3.47
CA ALA A 40 -10.08 13.36 -3.51
C ALA A 40 -8.64 13.09 -3.15
N ALA A 41 -7.72 13.64 -3.94
CA ALA A 41 -6.29 13.45 -3.69
C ALA A 41 -5.87 14.13 -2.39
N TYR A 42 -6.80 14.86 -1.80
CA TYR A 42 -6.52 15.56 -0.54
C TYR A 42 -6.43 14.55 0.60
N ALA A 43 -7.53 13.85 0.86
CA ALA A 43 -7.57 12.87 1.94
C ALA A 43 -6.57 11.74 1.69
N PHE A 44 -6.45 11.31 0.44
CA PHE A 44 -5.53 10.23 0.10
C PHE A 44 -4.09 10.66 0.39
N TYR A 45 -3.49 11.37 -0.55
CA TYR A 45 -2.12 11.84 -0.38
C TYR A 45 -1.96 12.60 0.92
N GLY A 46 -3.09 12.88 1.59
CA GLY A 46 -3.05 13.60 2.85
C GLY A 46 -2.35 12.76 3.93
N VAL A 47 -2.81 11.52 4.11
CA VAL A 47 -2.22 10.63 5.10
C VAL A 47 -2.03 9.23 4.52
N TRP A 48 -2.18 9.12 3.21
CA TRP A 48 -2.00 7.84 2.54
C TRP A 48 -0.55 7.33 2.70
N PRO A 49 0.46 8.13 2.41
CA PRO A 49 1.88 7.69 2.55
C PRO A 49 2.17 7.11 3.94
N LEU A 50 1.29 7.37 4.90
CA LEU A 50 1.47 6.85 6.24
C LEU A 50 1.11 5.37 6.28
N LEU A 51 0.13 4.99 5.48
CA LEU A 51 -0.32 3.60 5.44
C LEU A 51 0.65 2.76 4.62
N LEU A 52 1.73 3.38 4.15
CA LEU A 52 2.74 2.67 3.38
C LEU A 52 3.74 2.01 4.31
N LEU A 53 3.97 2.65 5.45
CA LEU A 53 4.91 2.14 6.44
C LEU A 53 4.42 0.80 6.99
N LEU A 54 3.11 0.63 7.07
CA LEU A 54 2.53 -0.60 7.60
C LEU A 54 3.09 -1.80 6.84
N LEU A 55 3.11 -1.70 5.52
CA LEU A 55 3.63 -2.78 4.68
C LEU A 55 5.11 -3.00 4.98
N ALA A 56 5.84 -1.90 5.16
CA ALA A 56 7.27 -1.98 5.45
C ALA A 56 7.50 -2.39 6.91
N LEU A 57 6.43 -2.38 7.70
CA LEU A 57 6.52 -2.76 9.12
C LEU A 57 5.37 -3.70 9.50
N PRO A 58 5.37 -4.88 8.95
CA PRO A 58 4.30 -5.90 9.23
C PRO A 58 4.49 -6.59 10.59
N PRO A 59 3.46 -7.25 11.10
CA PRO A 59 3.53 -7.97 12.40
C PRO A 59 4.82 -8.78 12.55
N ARG A 60 5.57 -8.93 11.45
CA ARG A 60 6.81 -9.68 11.48
C ARG A 60 7.87 -8.90 12.25
N ALA A 61 8.20 -7.70 11.77
CA ALA A 61 9.20 -6.86 12.41
C ALA A 61 8.54 -5.98 13.48
N TYR A 62 9.37 -5.38 14.33
CA TYR A 62 8.86 -4.51 15.40
C TYR A 62 9.91 -3.48 15.78
N ALA A 63 9.47 -2.23 15.96
CA ALA A 63 10.39 -1.16 16.34
C ALA A 63 11.58 -1.12 15.38
N ALA A 1 11.81 -3.77 9.94
CA ALA A 1 13.29 -3.60 10.04
C ALA A 1 13.97 -4.95 9.86
N LEU A 2 13.28 -6.01 10.29
CA LEU A 2 13.81 -7.36 10.18
C LEU A 2 13.74 -7.86 8.74
N GLU A 3 14.39 -8.98 8.46
CA GLU A 3 14.39 -9.55 7.12
C GLU A 3 13.01 -9.46 6.49
N ASN A 4 12.87 -8.56 5.51
CA ASN A 4 11.59 -8.36 4.82
C ASN A 4 11.61 -8.98 3.43
N LEU A 5 12.26 -10.13 3.30
CA LEU A 5 12.36 -10.83 2.02
C LEU A 5 11.57 -12.13 2.06
N VAL A 6 12.08 -13.11 2.80
CA VAL A 6 11.42 -14.40 2.91
C VAL A 6 10.03 -14.24 3.50
N VAL A 7 9.93 -13.49 4.59
CA VAL A 7 8.65 -13.25 5.23
C VAL A 7 7.72 -12.48 4.31
N LEU A 8 8.25 -11.49 3.61
CA LEU A 8 7.45 -10.68 2.71
C LEU A 8 6.86 -11.55 1.60
N ASN A 9 7.67 -12.42 1.03
CA ASN A 9 7.20 -13.29 -0.04
C ASN A 9 6.13 -14.25 0.48
N ALA A 10 6.38 -14.85 1.63
CA ALA A 10 5.43 -15.76 2.23
C ALA A 10 4.20 -15.01 2.73
N ALA A 11 4.40 -13.73 3.04
CA ALA A 11 3.31 -12.89 3.52
C ALA A 11 2.39 -12.49 2.36
N SER A 12 2.90 -12.63 1.15
CA SER A 12 2.11 -12.28 -0.03
C SER A 12 0.90 -13.19 -0.16
N VAL A 13 1.15 -14.49 -0.09
CA VAL A 13 0.08 -15.49 -0.19
C VAL A 13 -0.47 -15.85 1.18
N ALA A 14 0.31 -15.60 2.23
CA ALA A 14 -0.13 -15.91 3.60
C ALA A 14 -0.78 -14.71 4.24
N GLY A 15 0.03 -13.76 4.71
CA GLY A 15 -0.51 -12.57 5.36
C GLY A 15 -1.35 -11.74 4.39
N ALA A 16 -1.63 -10.49 4.78
CA ALA A 16 -2.43 -9.59 3.95
C ALA A 16 -1.54 -8.78 3.01
N HIS A 17 -0.23 -8.96 3.11
CA HIS A 17 0.70 -8.22 2.27
C HIS A 17 0.19 -8.10 0.83
N GLY A 18 -0.75 -8.98 0.45
CA GLY A 18 -1.31 -8.95 -0.89
C GLY A 18 -2.13 -7.68 -1.12
N ILE A 19 -3.03 -7.40 -0.17
CA ILE A 19 -3.89 -6.22 -0.28
C ILE A 19 -3.07 -4.97 -0.60
N LEU A 20 -1.80 -4.97 -0.18
CA LEU A 20 -0.94 -3.83 -0.43
C LEU A 20 -0.68 -3.66 -1.92
N SER A 21 -0.39 -4.78 -2.57
CA SER A 21 -0.11 -4.77 -4.01
C SER A 21 -1.32 -4.24 -4.78
N PHE A 22 -2.51 -4.70 -4.41
CA PHE A 22 -3.73 -4.26 -5.07
C PHE A 22 -3.92 -2.76 -4.91
N LEU A 23 -3.61 -2.24 -3.73
CA LEU A 23 -3.75 -0.82 -3.46
C LEU A 23 -2.86 0.00 -4.38
N VAL A 24 -1.66 -0.49 -4.63
CA VAL A 24 -0.72 0.20 -5.51
C VAL A 24 -1.23 0.17 -6.95
N PHE A 25 -1.74 -1.00 -7.35
CA PHE A 25 -2.27 -1.16 -8.70
C PHE A 25 -3.47 -0.25 -8.93
N PHE A 26 -4.37 -0.20 -7.94
CA PHE A 26 -5.55 0.63 -8.04
C PHE A 26 -5.16 2.11 -8.14
N SER A 27 -4.17 2.50 -7.35
CA SER A 27 -3.72 3.89 -7.35
C SER A 27 -3.35 4.33 -8.76
N ALA A 28 -2.67 3.44 -9.49
CA ALA A 28 -2.27 3.74 -10.87
C ALA A 28 -3.47 3.63 -11.81
N ALA A 29 -4.26 2.58 -11.62
CA ALA A 29 -5.43 2.36 -12.46
C ALA A 29 -6.43 3.50 -12.31
N TRP A 30 -6.58 4.00 -11.08
CA TRP A 30 -7.51 5.09 -10.81
C TRP A 30 -7.12 6.31 -11.63
N TYR A 31 -5.83 6.45 -11.90
CA TYR A 31 -5.32 7.58 -12.66
C TYR A 31 -6.08 7.71 -13.98
N ILE A 32 -6.82 6.65 -14.32
CA ILE A 32 -7.60 6.65 -15.55
C ILE A 32 -8.75 7.65 -15.46
N LYS A 33 -9.10 8.04 -14.24
CA LYS A 33 -10.18 9.00 -14.01
C LYS A 33 -10.14 10.15 -15.01
N GLY A 34 -9.04 10.87 -15.04
CA GLY A 34 -8.90 12.01 -15.95
C GLY A 34 -9.98 13.07 -15.72
N ARG A 35 -11.03 12.72 -14.99
CA ARG A 35 -12.15 13.63 -14.72
C ARG A 35 -12.45 13.71 -13.23
N LEU A 36 -11.54 14.32 -12.47
CA LEU A 36 -11.75 14.46 -11.03
C LEU A 36 -10.99 15.70 -10.52
N ALA A 37 -11.74 16.65 -9.97
CA ALA A 37 -11.13 17.89 -9.46
C ALA A 37 -10.50 17.65 -8.09
N PRO A 38 -9.57 18.48 -7.70
CA PRO A 38 -8.89 18.36 -6.37
C PRO A 38 -9.86 18.56 -5.21
N GLY A 39 -9.34 18.52 -3.99
CA GLY A 39 -10.16 18.69 -2.78
C GLY A 39 -10.45 17.34 -2.13
N ALA A 40 -11.32 16.55 -2.76
CA ALA A 40 -11.68 15.24 -2.23
C ALA A 40 -10.43 14.39 -2.03
N ALA A 41 -9.46 14.53 -2.92
CA ALA A 41 -8.22 13.76 -2.83
C ALA A 41 -7.37 14.24 -1.66
N TYR A 42 -8.01 14.92 -0.70
CA TYR A 42 -7.30 15.43 0.46
C TYR A 42 -6.57 14.30 1.18
N ALA A 43 -7.24 13.16 1.33
CA ALA A 43 -6.63 12.02 2.00
C ALA A 43 -5.35 11.60 1.29
N PHE A 44 -5.39 11.58 -0.04
CA PHE A 44 -4.23 11.17 -0.83
C PHE A 44 -3.02 12.03 -0.46
N TYR A 45 -3.22 13.34 -0.40
CA TYR A 45 -2.13 14.25 -0.05
C TYR A 45 -1.87 14.21 1.45
N GLY A 46 -2.93 14.05 2.22
CA GLY A 46 -2.82 13.99 3.68
C GLY A 46 -1.62 13.15 4.11
N VAL A 47 -1.88 11.89 4.46
CA VAL A 47 -0.81 10.99 4.89
C VAL A 47 -1.07 9.57 4.42
N TRP A 48 -1.63 9.44 3.22
CA TRP A 48 -1.89 8.12 2.65
C TRP A 48 -0.59 7.32 2.48
N PRO A 49 0.47 7.91 1.94
CA PRO A 49 1.77 7.17 1.76
C PRO A 49 2.38 6.73 3.08
N LEU A 50 1.88 7.26 4.19
CA LEU A 50 2.39 6.90 5.51
C LEU A 50 1.87 5.53 5.94
N LEU A 51 0.60 5.27 5.63
CA LEU A 51 -0.02 3.99 6.01
C LEU A 51 0.70 2.83 5.33
N LEU A 52 1.06 3.01 4.07
CA LEU A 52 1.74 1.96 3.32
C LEU A 52 2.91 1.40 4.12
N LEU A 53 3.36 2.15 5.12
CA LEU A 53 4.46 1.71 5.97
C LEU A 53 4.04 0.48 6.79
N LEU A 54 2.83 0.53 7.34
CA LEU A 54 2.32 -0.56 8.16
C LEU A 54 1.91 -1.76 7.29
N LEU A 55 1.71 -1.51 6.00
CA LEU A 55 1.32 -2.59 5.08
C LEU A 55 2.56 -3.16 4.41
N ALA A 56 3.47 -2.28 4.00
CA ALA A 56 4.70 -2.71 3.34
C ALA A 56 5.54 -3.59 4.27
N LEU A 57 5.49 -3.30 5.57
CA LEU A 57 6.25 -4.06 6.56
C LEU A 57 5.30 -4.88 7.44
N PRO A 58 5.07 -6.14 7.12
CA PRO A 58 4.14 -7.02 7.90
C PRO A 58 4.40 -6.93 9.41
N PRO A 59 3.59 -7.59 10.23
CA PRO A 59 3.77 -7.56 11.72
C PRO A 59 5.19 -7.95 12.15
N ARG A 60 5.76 -8.93 11.46
CA ARG A 60 7.10 -9.39 11.80
C ARG A 60 8.09 -8.22 11.77
N ALA A 61 8.09 -7.49 10.65
CA ALA A 61 8.98 -6.33 10.50
C ALA A 61 8.28 -5.05 10.92
N TYR A 62 9.06 -4.02 11.23
CA TYR A 62 8.51 -2.74 11.64
C TYR A 62 9.60 -1.68 11.69
N ALA A 63 9.21 -0.42 11.51
CA ALA A 63 10.17 0.69 11.54
C ALA A 63 9.59 1.87 12.31
N ALA A 1 16.73 -8.07 9.91
CA ALA A 1 15.52 -7.38 9.37
C ALA A 1 15.20 -7.92 7.98
N LEU A 2 14.87 -9.21 7.92
CA LEU A 2 14.54 -9.86 6.64
C LEU A 2 13.02 -10.01 6.50
N GLU A 3 12.27 -9.30 7.33
CA GLU A 3 10.81 -9.36 7.27
C GLU A 3 10.28 -8.62 6.06
N ASN A 4 11.10 -8.51 5.01
CA ASN A 4 10.70 -7.81 3.79
C ASN A 4 10.54 -8.79 2.63
N LEU A 5 11.51 -9.68 2.47
CA LEU A 5 11.46 -10.66 1.39
C LEU A 5 10.52 -11.80 1.76
N VAL A 6 10.69 -12.33 2.96
CA VAL A 6 9.86 -13.43 3.44
C VAL A 6 8.40 -12.98 3.56
N VAL A 7 8.20 -11.79 4.13
CA VAL A 7 6.85 -11.28 4.31
C VAL A 7 6.15 -11.09 2.96
N LEU A 8 6.82 -10.42 2.03
CA LEU A 8 6.22 -10.19 0.72
C LEU A 8 6.05 -11.52 -0.03
N ASN A 9 7.06 -12.38 0.06
CA ASN A 9 7.01 -13.66 -0.62
C ASN A 9 5.84 -14.49 -0.11
N ALA A 10 5.67 -14.52 1.22
CA ALA A 10 4.58 -15.27 1.81
C ALA A 10 3.28 -14.47 1.67
N ALA A 11 3.19 -13.36 2.39
CA ALA A 11 1.99 -12.52 2.35
C ALA A 11 1.44 -12.41 0.93
N SER A 12 2.30 -12.57 -0.07
CA SER A 12 1.88 -12.49 -1.46
C SER A 12 0.84 -13.56 -1.77
N VAL A 13 1.10 -14.78 -1.28
CA VAL A 13 0.18 -15.90 -1.52
C VAL A 13 -0.75 -16.10 -0.34
N ALA A 14 -0.25 -15.84 0.86
CA ALA A 14 -1.07 -16.00 2.06
C ALA A 14 -2.39 -15.22 1.91
N GLY A 15 -2.29 -13.97 1.46
CA GLY A 15 -3.47 -13.13 1.28
C GLY A 15 -3.45 -11.95 2.25
N ALA A 16 -2.54 -12.01 3.22
CA ALA A 16 -2.43 -10.93 4.20
C ALA A 16 -2.13 -9.59 3.53
N HIS A 17 -1.21 -9.61 2.56
CA HIS A 17 -0.83 -8.39 1.84
C HIS A 17 -1.52 -8.35 0.48
N GLY A 18 -2.48 -9.25 0.28
CA GLY A 18 -3.20 -9.31 -0.98
C GLY A 18 -4.00 -8.03 -1.20
N ILE A 19 -4.81 -7.66 -0.22
CA ILE A 19 -5.61 -6.45 -0.32
C ILE A 19 -4.73 -5.19 -0.33
N LEU A 20 -3.59 -5.28 0.35
CA LEU A 20 -2.65 -4.16 0.39
C LEU A 20 -1.99 -3.97 -0.97
N SER A 21 -1.67 -5.09 -1.63
CA SER A 21 -1.02 -5.04 -2.94
C SER A 21 -1.92 -4.36 -3.96
N PHE A 22 -3.21 -4.70 -3.93
CA PHE A 22 -4.17 -4.11 -4.87
C PHE A 22 -4.30 -2.62 -4.62
N LEU A 23 -4.21 -2.22 -3.35
CA LEU A 23 -4.32 -0.80 -3.01
C LEU A 23 -3.26 0.01 -3.72
N VAL A 24 -2.07 -0.57 -3.85
CA VAL A 24 -0.97 0.12 -4.53
C VAL A 24 -1.17 0.08 -6.04
N PHE A 25 -1.53 -1.09 -6.55
CA PHE A 25 -1.75 -1.26 -7.97
C PHE A 25 -2.97 -0.47 -8.44
N PHE A 26 -4.04 -0.52 -7.65
CA PHE A 26 -5.28 0.19 -7.97
C PHE A 26 -5.06 1.70 -7.91
N SER A 27 -4.07 2.13 -7.12
CA SER A 27 -3.79 3.55 -6.98
C SER A 27 -3.52 4.17 -8.35
N ALA A 28 -2.92 3.39 -9.24
CA ALA A 28 -2.61 3.85 -10.58
C ALA A 28 -3.89 4.17 -11.34
N ALA A 29 -4.97 3.47 -10.99
CA ALA A 29 -6.24 3.69 -11.67
C ALA A 29 -6.64 5.17 -11.62
N TRP A 30 -6.54 5.77 -10.44
CA TRP A 30 -6.90 7.17 -10.28
C TRP A 30 -6.08 8.04 -11.24
N TYR A 31 -4.82 7.69 -11.43
CA TYR A 31 -3.96 8.44 -12.33
C TYR A 31 -4.42 8.28 -13.77
N ILE A 32 -4.73 7.04 -14.16
CA ILE A 32 -5.17 6.76 -15.52
C ILE A 32 -6.47 7.48 -15.85
N LYS A 33 -7.42 7.44 -14.91
CA LYS A 33 -8.70 8.11 -15.11
C LYS A 33 -8.50 9.62 -15.27
N GLY A 34 -7.66 10.19 -14.42
CA GLY A 34 -7.40 11.62 -14.47
C GLY A 34 -8.62 12.41 -14.03
N ARG A 35 -9.53 11.74 -13.32
CA ARG A 35 -10.75 12.40 -12.84
C ARG A 35 -10.54 12.90 -11.41
N LEU A 36 -9.38 12.57 -10.85
CA LEU A 36 -9.05 13.00 -9.50
C LEU A 36 -8.92 14.52 -9.44
N ALA A 37 -9.07 15.08 -8.25
CA ALA A 37 -8.94 16.53 -8.09
C ALA A 37 -8.85 16.90 -6.61
N PRO A 38 -8.62 18.16 -6.31
CA PRO A 38 -8.53 18.63 -4.89
C PRO A 38 -9.80 18.31 -4.10
N GLY A 39 -9.62 17.89 -2.86
CA GLY A 39 -10.76 17.55 -2.00
C GLY A 39 -10.50 16.27 -1.22
N ALA A 40 -11.05 15.16 -1.72
CA ALA A 40 -10.86 13.87 -1.06
C ALA A 40 -9.41 13.42 -1.14
N ALA A 41 -8.76 13.67 -2.28
CA ALA A 41 -7.37 13.28 -2.46
C ALA A 41 -6.53 13.70 -1.26
N TYR A 42 -6.05 14.96 -1.28
CA TYR A 42 -5.22 15.49 -0.19
C TYR A 42 -5.57 14.84 1.15
N ALA A 43 -6.86 14.71 1.43
CA ALA A 43 -7.29 14.10 2.69
C ALA A 43 -6.95 12.60 2.72
N PHE A 44 -7.26 11.90 1.63
CA PHE A 44 -7.00 10.47 1.53
C PHE A 44 -5.59 10.21 0.99
N TYR A 45 -5.38 10.49 -0.30
CA TYR A 45 -4.08 10.26 -0.92
C TYR A 45 -2.95 10.84 -0.07
N GLY A 46 -3.18 12.02 0.51
CA GLY A 46 -2.17 12.65 1.35
C GLY A 46 -1.47 11.63 2.24
N VAL A 47 -2.16 10.52 2.51
CA VAL A 47 -1.60 9.46 3.35
C VAL A 47 -0.67 8.57 2.52
N TRP A 48 0.52 9.08 2.24
CA TRP A 48 1.51 8.33 1.47
C TRP A 48 2.54 7.67 2.40
N PRO A 49 2.96 8.34 3.45
CA PRO A 49 3.96 7.77 4.41
C PRO A 49 3.56 6.39 4.93
N LEU A 50 2.36 6.31 5.51
CA LEU A 50 1.86 5.04 6.05
C LEU A 50 1.59 4.05 4.94
N LEU A 51 1.24 4.55 3.77
CA LEU A 51 0.93 3.67 2.64
C LEU A 51 2.13 2.81 2.28
N LEU A 52 3.31 3.42 2.23
CA LEU A 52 4.53 2.69 1.92
C LEU A 52 5.01 1.90 3.14
N LEU A 53 4.78 2.45 4.33
CA LEU A 53 5.20 1.79 5.56
C LEU A 53 4.44 0.49 5.79
N LEU A 54 3.12 0.61 5.98
CA LEU A 54 2.29 -0.57 6.23
C LEU A 54 2.49 -1.59 5.13
N LEU A 55 3.18 -1.22 4.06
CA LEU A 55 3.42 -2.13 2.96
C LEU A 55 4.50 -3.15 3.32
N ALA A 56 5.76 -2.70 3.36
CA ALA A 56 6.88 -3.59 3.67
C ALA A 56 7.28 -3.50 5.15
N LEU A 57 6.53 -2.73 5.93
CA LEU A 57 6.81 -2.58 7.37
C LEU A 57 5.53 -2.86 8.19
N PRO A 58 5.22 -4.11 8.42
CA PRO A 58 4.00 -4.50 9.20
C PRO A 58 4.18 -4.28 10.70
N PRO A 59 3.12 -4.30 11.46
CA PRO A 59 3.18 -4.11 12.95
C PRO A 59 4.32 -4.90 13.57
N ARG A 60 4.58 -6.09 13.02
CA ARG A 60 5.65 -6.94 13.54
C ARG A 60 6.94 -6.13 13.70
N ALA A 61 7.24 -5.29 12.71
CA ALA A 61 8.45 -4.46 12.75
C ALA A 61 8.10 -3.03 13.15
N TYR A 62 9.13 -2.23 13.42
CA TYR A 62 8.93 -0.84 13.81
C TYR A 62 8.74 0.04 12.58
N ALA A 63 9.84 0.56 12.05
CA ALA A 63 9.79 1.41 10.87
C ALA A 63 11.15 1.49 10.19
N ALA A 1 14.28 -6.00 8.48
CA ALA A 1 15.22 -7.14 8.27
C ALA A 1 14.54 -8.21 7.43
N LEU A 2 14.80 -9.48 7.75
CA LEU A 2 14.21 -10.59 7.03
C LEU A 2 12.69 -10.60 7.22
N GLU A 3 12.26 -10.08 8.37
CA GLU A 3 10.84 -10.04 8.68
C GLU A 3 10.09 -9.20 7.65
N ASN A 4 10.84 -8.61 6.71
CA ASN A 4 10.23 -7.79 5.66
C ASN A 4 10.43 -8.43 4.29
N LEU A 5 11.15 -9.55 4.26
CA LEU A 5 11.42 -10.25 3.00
C LEU A 5 10.60 -11.54 2.91
N VAL A 6 11.00 -12.54 3.70
CA VAL A 6 10.29 -13.82 3.68
C VAL A 6 8.78 -13.62 3.76
N VAL A 7 8.36 -12.59 4.48
CA VAL A 7 6.94 -12.30 4.61
C VAL A 7 6.35 -11.87 3.27
N LEU A 8 7.08 -11.04 2.53
CA LEU A 8 6.59 -10.56 1.25
C LEU A 8 6.35 -11.74 0.30
N ASN A 9 7.38 -12.57 0.13
CA ASN A 9 7.26 -13.73 -0.75
C ASN A 9 6.20 -14.69 -0.22
N ALA A 10 6.24 -14.94 1.08
CA ALA A 10 5.28 -15.83 1.71
C ALA A 10 3.88 -15.23 1.64
N ALA A 11 3.81 -13.91 1.73
CA ALA A 11 2.54 -13.21 1.68
C ALA A 11 1.88 -13.42 0.32
N SER A 12 2.69 -13.43 -0.73
CA SER A 12 2.17 -13.61 -2.08
C SER A 12 1.24 -14.81 -2.13
N VAL A 13 1.51 -15.81 -1.28
CA VAL A 13 0.69 -17.01 -1.22
C VAL A 13 -0.46 -16.83 -0.22
N ALA A 14 -0.11 -16.39 0.99
CA ALA A 14 -1.12 -16.18 2.02
C ALA A 14 -2.10 -15.09 1.61
N GLY A 15 -1.56 -13.94 1.21
CA GLY A 15 -2.38 -12.80 0.79
C GLY A 15 -2.18 -11.60 1.71
N ALA A 16 -1.37 -11.79 2.74
CA ALA A 16 -1.09 -10.72 3.69
C ALA A 16 -0.44 -9.53 2.98
N HIS A 17 0.83 -9.29 3.28
CA HIS A 17 1.57 -8.19 2.67
C HIS A 17 1.29 -8.10 1.17
N GLY A 18 0.71 -9.15 0.62
CA GLY A 18 0.39 -9.18 -0.80
C GLY A 18 -0.72 -8.18 -1.12
N ILE A 19 -1.76 -8.17 -0.30
CA ILE A 19 -2.88 -7.26 -0.49
C ILE A 19 -2.38 -5.85 -0.77
N LEU A 20 -1.19 -5.55 -0.30
CA LEU A 20 -0.62 -4.22 -0.52
C LEU A 20 -0.41 -3.97 -2.00
N SER A 21 0.14 -4.97 -2.69
CA SER A 21 0.41 -4.84 -4.11
C SER A 21 -0.85 -4.38 -4.85
N PHE A 22 -1.99 -4.95 -4.49
CA PHE A 22 -3.24 -4.59 -5.13
C PHE A 22 -3.58 -3.12 -4.82
N LEU A 23 -3.47 -2.72 -3.55
CA LEU A 23 -3.82 -1.37 -3.16
C LEU A 23 -3.05 -0.31 -3.98
N VAL A 24 -1.74 -0.51 -4.15
CA VAL A 24 -0.94 0.43 -4.93
C VAL A 24 -1.30 0.35 -6.40
N PHE A 25 -1.52 -0.86 -6.89
CA PHE A 25 -1.88 -1.06 -8.30
C PHE A 25 -3.24 -0.44 -8.59
N PHE A 26 -4.16 -0.56 -7.65
CA PHE A 26 -5.50 -0.01 -7.82
C PHE A 26 -5.49 1.50 -7.63
N SER A 27 -4.87 1.95 -6.54
CA SER A 27 -4.80 3.38 -6.25
C SER A 27 -4.16 4.13 -7.40
N ALA A 28 -3.09 3.55 -7.96
CA ALA A 28 -2.40 4.18 -9.07
C ALA A 28 -3.28 4.14 -10.31
N ALA A 29 -3.99 3.03 -10.51
CA ALA A 29 -4.87 2.89 -11.66
C ALA A 29 -5.95 3.95 -11.65
N TRP A 30 -6.48 4.24 -10.46
CA TRP A 30 -7.53 5.25 -10.32
C TRP A 30 -7.11 6.53 -11.04
N TYR A 31 -5.82 6.80 -11.04
CA TYR A 31 -5.30 8.01 -11.68
C TYR A 31 -5.67 8.02 -13.16
N ILE A 32 -5.87 6.83 -13.73
CA ILE A 32 -6.23 6.72 -15.13
C ILE A 32 -7.60 7.34 -15.40
N LYS A 33 -8.50 7.25 -14.44
CA LYS A 33 -9.84 7.79 -14.60
C LYS A 33 -9.80 9.32 -14.63
N GLY A 34 -9.20 9.91 -13.59
CA GLY A 34 -9.10 11.37 -13.51
C GLY A 34 -9.98 11.90 -12.38
N ARG A 35 -10.49 10.99 -11.55
CA ARG A 35 -11.34 11.37 -10.43
C ARG A 35 -10.50 11.95 -9.30
N LEU A 36 -9.19 11.73 -9.35
CA LEU A 36 -8.30 12.23 -8.32
C LEU A 36 -8.18 13.76 -8.41
N ALA A 37 -9.32 14.43 -8.47
CA ALA A 37 -9.33 15.88 -8.56
C ALA A 37 -9.01 16.49 -7.20
N PRO A 38 -8.62 17.75 -7.18
CA PRO A 38 -8.29 18.48 -5.92
C PRO A 38 -9.52 18.70 -5.04
N GLY A 39 -9.31 19.17 -3.82
CA GLY A 39 -10.39 19.43 -2.88
C GLY A 39 -10.38 18.44 -1.72
N ALA A 40 -11.04 17.30 -1.89
CA ALA A 40 -11.10 16.29 -0.86
C ALA A 40 -9.86 15.40 -0.90
N ALA A 41 -9.51 14.95 -2.10
CA ALA A 41 -8.34 14.09 -2.26
C ALA A 41 -7.05 14.91 -2.18
N TYR A 42 -7.20 16.21 -1.92
CA TYR A 42 -6.05 17.10 -1.81
C TYR A 42 -5.52 17.14 -0.37
N ALA A 43 -6.44 17.27 0.58
CA ALA A 43 -6.06 17.33 1.99
C ALA A 43 -5.43 16.02 2.45
N PHE A 44 -6.25 15.00 2.63
CA PHE A 44 -5.77 13.70 3.07
C PHE A 44 -4.85 13.08 2.02
N TYR A 45 -4.55 13.84 0.97
CA TYR A 45 -3.68 13.35 -0.10
C TYR A 45 -2.51 12.56 0.48
N GLY A 46 -2.17 12.84 1.73
CA GLY A 46 -1.06 12.16 2.39
C GLY A 46 -1.54 10.93 3.17
N VAL A 47 -2.59 10.30 2.67
CA VAL A 47 -3.15 9.10 3.31
C VAL A 47 -2.91 7.86 2.45
N TRP A 48 -2.75 8.09 1.14
CA TRP A 48 -2.49 7.00 0.20
C TRP A 48 -0.99 6.61 0.15
N PRO A 49 -0.08 7.54 0.41
CA PRO A 49 1.39 7.26 0.35
C PRO A 49 1.94 6.73 1.67
N LEU A 50 1.21 6.96 2.76
CA LEU A 50 1.66 6.50 4.07
C LEU A 50 1.42 5.00 4.23
N LEU A 51 0.22 4.56 3.90
CA LEU A 51 -0.14 3.15 4.00
C LEU A 51 0.65 2.32 2.99
N LEU A 52 1.44 3.01 2.17
CA LEU A 52 2.25 2.33 1.17
C LEU A 52 3.31 1.45 1.82
N LEU A 53 3.90 1.92 2.91
CA LEU A 53 4.93 1.17 3.63
C LEU A 53 4.33 0.37 4.78
N LEU A 54 3.51 1.04 5.59
CA LEU A 54 2.89 0.38 6.73
C LEU A 54 2.42 -1.03 6.35
N LEU A 55 1.54 -1.11 5.36
CA LEU A 55 1.02 -2.39 4.91
C LEU A 55 2.15 -3.26 4.36
N ALA A 56 3.06 -2.65 3.61
CA ALA A 56 4.17 -3.38 3.02
C ALA A 56 5.06 -3.95 4.13
N LEU A 57 4.68 -3.71 5.38
CA LEU A 57 5.45 -4.22 6.53
C LEU A 57 4.54 -4.93 7.53
N PRO A 58 5.02 -5.95 8.20
CA PRO A 58 4.22 -6.73 9.19
C PRO A 58 3.87 -5.90 10.44
N PRO A 59 2.65 -6.01 10.95
CA PRO A 59 2.23 -5.25 12.18
C PRO A 59 3.29 -5.33 13.28
N ARG A 60 4.16 -6.33 13.20
CA ARG A 60 5.20 -6.50 14.20
C ARG A 60 6.16 -5.31 14.18
N ALA A 61 6.55 -4.88 12.97
CA ALA A 61 7.45 -3.74 12.83
C ALA A 61 6.68 -2.47 12.51
N TYR A 62 7.40 -1.42 12.14
CA TYR A 62 6.77 -0.14 11.81
C TYR A 62 7.77 0.79 11.14
N ALA A 63 7.27 1.74 10.36
CA ALA A 63 8.15 2.69 9.69
C ALA A 63 9.24 1.97 8.90
N ALA A 1 14.61 -13.40 6.70
CA ALA A 1 15.85 -12.75 6.17
C ALA A 1 15.55 -11.27 5.89
N LEU A 2 15.13 -10.98 4.67
CA LEU A 2 14.82 -9.61 4.28
C LEU A 2 13.48 -9.18 4.88
N GLU A 3 13.38 -7.90 5.23
CA GLU A 3 12.15 -7.38 5.82
C GLU A 3 11.03 -7.38 4.79
N ASN A 4 11.39 -7.58 3.51
CA ASN A 4 10.41 -7.59 2.43
C ASN A 4 10.05 -9.02 2.01
N LEU A 5 11.04 -9.74 1.47
CA LEU A 5 10.80 -11.12 1.02
C LEU A 5 10.10 -11.94 2.09
N VAL A 6 10.39 -11.65 3.35
CA VAL A 6 9.78 -12.38 4.45
C VAL A 6 8.27 -12.19 4.45
N VAL A 7 7.83 -10.93 4.34
CA VAL A 7 6.39 -10.61 4.33
C VAL A 7 5.82 -10.74 2.92
N LEU A 8 6.65 -10.48 1.92
CA LEU A 8 6.19 -10.54 0.53
C LEU A 8 5.64 -11.92 0.18
N ASN A 9 6.52 -12.90 0.03
CA ASN A 9 6.10 -14.25 -0.32
C ASN A 9 5.11 -14.81 0.71
N ALA A 10 5.19 -14.32 1.94
CA ALA A 10 4.30 -14.79 2.98
C ALA A 10 2.92 -14.16 2.88
N ALA A 11 2.79 -12.94 3.39
CA ALA A 11 1.50 -12.24 3.37
C ALA A 11 0.93 -12.15 1.94
N SER A 12 1.64 -11.49 1.03
CA SER A 12 1.17 -11.32 -0.35
C SER A 12 0.49 -12.60 -0.84
N VAL A 13 1.15 -13.74 -0.62
CA VAL A 13 0.59 -15.02 -1.03
C VAL A 13 -0.68 -15.31 -0.23
N ALA A 14 -0.61 -15.04 1.07
CA ALA A 14 -1.75 -15.28 1.95
C ALA A 14 -2.94 -14.41 1.54
N GLY A 15 -2.66 -13.34 0.79
CA GLY A 15 -3.70 -12.42 0.33
C GLY A 15 -3.64 -11.11 1.12
N ALA A 16 -3.17 -11.17 2.36
CA ALA A 16 -3.06 -9.98 3.18
C ALA A 16 -2.33 -8.88 2.40
N HIS A 17 -1.03 -8.74 2.66
CA HIS A 17 -0.23 -7.73 1.97
C HIS A 17 -0.46 -7.73 0.46
N GLY A 18 -1.24 -8.69 -0.02
CA GLY A 18 -1.54 -8.79 -1.45
C GLY A 18 -2.37 -7.59 -1.92
N ILE A 19 -3.48 -7.33 -1.22
CA ILE A 19 -4.36 -6.21 -1.58
C ILE A 19 -3.70 -4.86 -1.30
N LEU A 20 -2.84 -4.81 -0.28
CA LEU A 20 -2.11 -3.58 0.04
C LEU A 20 -1.14 -3.22 -1.08
N SER A 21 -0.45 -4.23 -1.60
CA SER A 21 0.52 -4.00 -2.67
C SER A 21 -0.20 -3.55 -3.92
N PHE A 22 -1.39 -4.09 -4.15
CA PHE A 22 -2.17 -3.74 -5.33
C PHE A 22 -2.81 -2.37 -5.15
N LEU A 23 -2.97 -1.93 -3.91
CA LEU A 23 -3.59 -0.64 -3.62
C LEU A 23 -2.76 0.51 -4.20
N VAL A 24 -1.44 0.41 -4.07
CA VAL A 24 -0.56 1.45 -4.59
C VAL A 24 -0.57 1.43 -6.11
N PHE A 25 -0.80 0.25 -6.67
CA PHE A 25 -0.84 0.09 -8.11
C PHE A 25 -2.09 0.74 -8.69
N PHE A 26 -3.21 0.57 -7.99
CA PHE A 26 -4.48 1.13 -8.44
C PHE A 26 -4.44 2.65 -8.40
N SER A 27 -3.78 3.19 -7.37
CA SER A 27 -3.68 4.64 -7.22
C SER A 27 -3.31 5.29 -8.55
N ALA A 28 -2.42 4.63 -9.29
CA ALA A 28 -2.00 5.14 -10.59
C ALA A 28 -3.19 5.19 -11.54
N ALA A 29 -4.15 4.30 -11.33
CA ALA A 29 -5.34 4.24 -12.18
C ALA A 29 -6.06 5.58 -12.17
N TRP A 30 -6.10 6.23 -11.01
CA TRP A 30 -6.76 7.53 -10.89
C TRP A 30 -6.17 8.53 -11.87
N TYR A 31 -4.85 8.50 -12.01
CA TYR A 31 -4.17 9.41 -12.93
C TYR A 31 -4.57 9.10 -14.37
N ILE A 32 -4.60 7.81 -14.70
CA ILE A 32 -4.95 7.38 -16.05
C ILE A 32 -6.42 7.70 -16.35
N LYS A 33 -7.29 7.42 -15.39
CA LYS A 33 -8.71 7.68 -15.57
C LYS A 33 -9.00 9.19 -15.58
N GLY A 34 -8.56 9.88 -14.53
CA GLY A 34 -8.77 11.31 -14.44
C GLY A 34 -10.24 11.64 -14.15
N ARG A 35 -10.92 10.72 -13.48
CA ARG A 35 -12.34 10.90 -13.13
C ARG A 35 -12.49 11.36 -11.68
N LEU A 36 -11.36 11.70 -11.05
CA LEU A 36 -11.35 12.14 -9.66
C LEU A 36 -11.02 13.63 -9.57
N ALA A 37 -11.12 14.17 -8.37
CA ALA A 37 -10.83 15.59 -8.15
C ALA A 37 -10.45 15.85 -6.68
N PRO A 38 -10.03 17.05 -6.35
CA PRO A 38 -9.65 17.42 -4.95
C PRO A 38 -10.75 17.08 -3.94
N GLY A 39 -10.93 15.79 -3.66
CA GLY A 39 -11.95 15.33 -2.71
C GLY A 39 -11.30 14.74 -1.46
N ALA A 40 -11.75 13.55 -1.09
CA ALA A 40 -11.20 12.87 0.09
C ALA A 40 -9.98 12.04 -0.27
N ALA A 41 -10.05 11.37 -1.43
CA ALA A 41 -8.95 10.53 -1.88
C ALA A 41 -7.78 11.39 -2.36
N TYR A 42 -8.02 12.69 -2.47
CA TYR A 42 -6.97 13.62 -2.91
C TYR A 42 -6.15 14.08 -1.71
N ALA A 43 -6.83 14.54 -0.68
CA ALA A 43 -6.16 15.02 0.52
C ALA A 43 -5.37 13.87 1.16
N PHE A 44 -6.03 12.74 1.33
CA PHE A 44 -5.39 11.57 1.94
C PHE A 44 -4.22 11.12 1.06
N TYR A 45 -4.45 11.05 -0.25
CA TYR A 45 -3.41 10.62 -1.19
C TYR A 45 -2.06 11.24 -0.78
N GLY A 46 -2.10 12.36 -0.08
CA GLY A 46 -0.88 13.04 0.34
C GLY A 46 -0.03 12.18 1.28
N VAL A 47 -0.58 11.85 2.45
CA VAL A 47 0.14 11.04 3.44
C VAL A 47 0.02 9.54 3.14
N TRP A 48 -0.50 9.20 1.96
CA TRP A 48 -0.67 7.80 1.58
C TRP A 48 0.59 6.97 1.94
N PRO A 49 1.78 7.46 1.66
CA PRO A 49 3.06 6.71 1.94
C PRO A 49 3.23 6.33 3.42
N LEU A 50 2.15 6.45 4.20
CA LEU A 50 2.20 6.11 5.63
C LEU A 50 1.53 4.77 5.88
N LEU A 51 0.32 4.62 5.36
CA LEU A 51 -0.42 3.38 5.55
C LEU A 51 0.34 2.20 4.94
N LEU A 52 0.96 2.44 3.79
CA LEU A 52 1.72 1.38 3.13
C LEU A 52 2.83 0.88 4.04
N LEU A 53 3.88 1.67 4.21
CA LEU A 53 4.99 1.28 5.06
C LEU A 53 4.49 0.72 6.40
N LEU A 54 3.37 1.25 6.88
CA LEU A 54 2.82 0.78 8.15
C LEU A 54 2.42 -0.69 8.06
N LEU A 55 1.37 -0.97 7.30
CA LEU A 55 0.88 -2.34 7.14
C LEU A 55 1.89 -3.18 6.36
N ALA A 56 2.48 -2.57 5.34
CA ALA A 56 3.46 -3.26 4.51
C ALA A 56 4.61 -3.80 5.35
N LEU A 57 4.73 -3.30 6.58
CA LEU A 57 5.79 -3.73 7.49
C LEU A 57 5.20 -4.25 8.82
N PRO A 58 4.90 -5.53 8.91
CA PRO A 58 4.30 -6.15 10.13
C PRO A 58 5.08 -5.80 11.42
N PRO A 59 4.66 -6.32 12.56
CA PRO A 59 5.32 -6.03 13.88
C PRO A 59 6.81 -6.42 13.87
N ARG A 60 7.12 -7.55 13.25
CA ARG A 60 8.50 -8.02 13.18
C ARG A 60 9.38 -7.04 12.40
N ALA A 61 8.82 -5.88 12.08
CA ALA A 61 9.56 -4.86 11.35
C ALA A 61 10.53 -4.14 12.28
N TYR A 62 11.78 -4.59 12.30
CA TYR A 62 12.80 -3.98 13.16
C TYR A 62 13.56 -2.91 12.39
N ALA A 63 13.70 -3.11 11.08
CA ALA A 63 14.41 -2.14 10.25
C ALA A 63 15.76 -1.79 10.86
N ALA A 1 9.63 -12.21 9.60
CA ALA A 1 10.69 -11.88 10.60
C ALA A 1 11.73 -10.97 9.95
N LEU A 2 12.49 -11.51 9.01
CA LEU A 2 13.51 -10.75 8.31
C LEU A 2 12.88 -9.78 7.31
N GLU A 3 13.44 -8.59 7.19
CA GLU A 3 12.92 -7.58 6.27
C GLU A 3 13.23 -7.98 4.83
N ASN A 4 13.95 -9.08 4.65
CA ASN A 4 14.30 -9.55 3.32
C ASN A 4 13.06 -9.96 2.54
N LEU A 5 13.20 -10.99 1.71
CA LEU A 5 12.07 -11.48 0.91
C LEU A 5 11.19 -12.40 1.73
N VAL A 6 11.65 -12.75 2.92
CA VAL A 6 10.90 -13.62 3.79
C VAL A 6 9.54 -13.00 4.12
N VAL A 7 9.57 -11.72 4.48
CA VAL A 7 8.34 -11.02 4.82
C VAL A 7 7.43 -10.93 3.59
N LEU A 8 8.00 -10.54 2.46
CA LEU A 8 7.23 -10.41 1.22
C LEU A 8 6.65 -11.77 0.83
N ASN A 9 7.48 -12.81 0.93
CA ASN A 9 7.03 -14.15 0.58
C ASN A 9 5.87 -14.58 1.46
N ALA A 10 6.01 -14.35 2.76
CA ALA A 10 4.96 -14.70 3.71
C ALA A 10 3.78 -13.76 3.55
N ALA A 11 4.06 -12.49 3.29
CA ALA A 11 3.01 -11.49 3.12
C ALA A 11 2.16 -11.79 1.88
N SER A 12 2.80 -12.30 0.83
CA SER A 12 2.10 -12.62 -0.40
C SER A 12 1.03 -13.68 -0.16
N VAL A 13 1.31 -14.61 0.77
CA VAL A 13 0.37 -15.68 1.08
C VAL A 13 -0.40 -15.37 2.36
N ALA A 14 0.08 -14.38 3.10
CA ALA A 14 -0.57 -14.00 4.36
C ALA A 14 -2.06 -13.84 4.15
N GLY A 15 -2.45 -12.95 3.22
CA GLY A 15 -3.87 -12.72 2.94
C GLY A 15 -4.19 -11.23 2.93
N ALA A 16 -4.18 -10.62 4.11
CA ALA A 16 -4.47 -9.20 4.23
C ALA A 16 -3.55 -8.38 3.34
N HIS A 17 -2.25 -8.63 3.44
CA HIS A 17 -1.28 -7.92 2.65
C HIS A 17 -1.68 -7.91 1.18
N GLY A 18 -2.56 -8.83 0.81
CA GLY A 18 -3.03 -8.93 -0.56
C GLY A 18 -3.77 -7.66 -0.97
N ILE A 19 -4.89 -7.39 -0.31
CA ILE A 19 -5.69 -6.21 -0.60
C ILE A 19 -4.82 -4.95 -0.54
N LEU A 20 -3.73 -5.03 0.21
CA LEU A 20 -2.82 -3.91 0.35
C LEU A 20 -1.93 -3.80 -0.87
N SER A 21 -1.61 -4.95 -1.46
CA SER A 21 -0.75 -4.98 -2.63
C SER A 21 -1.50 -4.43 -3.84
N PHE A 22 -2.74 -4.87 -4.01
CA PHE A 22 -3.57 -4.41 -5.12
C PHE A 22 -4.01 -2.97 -4.91
N LEU A 23 -3.85 -2.47 -3.70
CA LEU A 23 -4.24 -1.11 -3.37
C LEU A 23 -3.34 -0.09 -4.09
N VAL A 24 -2.08 -0.47 -4.30
CA VAL A 24 -1.12 0.42 -4.96
C VAL A 24 -1.52 0.71 -6.40
N PHE A 25 -2.35 -0.16 -6.97
CA PHE A 25 -2.79 0.00 -8.36
C PHE A 25 -3.60 1.29 -8.51
N PHE A 26 -4.43 1.59 -7.51
CA PHE A 26 -5.27 2.79 -7.56
C PHE A 26 -4.41 4.04 -7.65
N SER A 27 -3.35 4.09 -6.85
CA SER A 27 -2.45 5.23 -6.85
C SER A 27 -2.14 5.65 -8.28
N ALA A 28 -1.80 4.67 -9.12
CA ALA A 28 -1.48 4.94 -10.51
C ALA A 28 -2.76 5.09 -11.34
N ALA A 29 -3.74 4.23 -11.04
CA ALA A 29 -5.01 4.26 -11.78
C ALA A 29 -5.64 5.66 -11.72
N TRP A 30 -5.34 6.39 -10.65
CA TRP A 30 -5.89 7.74 -10.50
C TRP A 30 -5.35 8.67 -11.58
N TYR A 31 -4.16 8.38 -12.08
CA TYR A 31 -3.55 9.21 -13.12
C TYR A 31 -4.16 8.93 -14.49
N ILE A 32 -4.19 7.64 -14.87
CA ILE A 32 -4.74 7.25 -16.17
C ILE A 32 -6.24 7.54 -16.22
N LYS A 33 -6.92 7.29 -15.10
CA LYS A 33 -8.36 7.51 -15.04
C LYS A 33 -8.69 8.97 -15.33
N GLY A 34 -7.80 9.86 -14.90
CA GLY A 34 -8.01 11.29 -15.13
C GLY A 34 -8.94 11.88 -14.07
N ARG A 35 -9.49 11.01 -13.21
CA ARG A 35 -10.40 11.46 -12.16
C ARG A 35 -9.62 11.86 -10.92
N LEU A 36 -8.77 12.89 -11.05
CA LEU A 36 -7.98 13.35 -9.92
C LEU A 36 -8.02 14.87 -9.84
N ALA A 37 -8.64 15.40 -8.79
CA ALA A 37 -8.74 16.83 -8.61
C ALA A 37 -9.10 17.18 -7.17
N PRO A 38 -9.10 18.45 -6.83
CA PRO A 38 -9.44 18.92 -5.45
C PRO A 38 -10.78 18.36 -4.98
N GLY A 39 -10.81 17.88 -3.74
CA GLY A 39 -12.03 17.32 -3.18
C GLY A 39 -11.74 16.62 -1.87
N ALA A 40 -12.12 15.35 -1.77
CA ALA A 40 -11.89 14.57 -0.55
C ALA A 40 -10.63 13.71 -0.69
N ALA A 41 -10.04 13.74 -1.88
CA ALA A 41 -8.83 12.95 -2.13
C ALA A 41 -7.72 13.30 -1.12
N TYR A 42 -8.01 14.28 -0.25
CA TYR A 42 -7.05 14.69 0.76
C TYR A 42 -6.80 13.56 1.76
N ALA A 43 -7.88 12.88 2.15
CA ALA A 43 -7.78 11.79 3.10
C ALA A 43 -6.86 10.69 2.56
N PHE A 44 -7.14 10.22 1.35
CA PHE A 44 -6.34 9.18 0.73
C PHE A 44 -4.91 9.66 0.54
N TYR A 45 -4.72 10.61 -0.39
CA TYR A 45 -3.40 11.14 -0.66
C TYR A 45 -2.80 11.76 0.59
N GLY A 46 -3.63 11.98 1.60
CA GLY A 46 -3.18 12.58 2.84
C GLY A 46 -1.87 11.93 3.31
N VAL A 47 -1.98 10.75 3.92
CA VAL A 47 -0.80 10.03 4.40
C VAL A 47 -0.73 8.64 3.79
N TRP A 48 -0.90 8.57 2.48
CA TRP A 48 -0.85 7.28 1.79
C TRP A 48 0.57 6.71 1.83
N PRO A 49 1.57 7.54 1.64
CA PRO A 49 3.00 7.10 1.64
C PRO A 49 3.42 6.52 2.98
N LEU A 50 2.76 6.96 4.05
CA LEU A 50 3.08 6.49 5.39
C LEU A 50 2.54 5.07 5.59
N LEU A 51 1.47 4.72 4.87
CA LEU A 51 0.87 3.38 4.98
C LEU A 51 1.41 2.45 3.87
N LEU A 52 2.44 2.90 3.16
CA LEU A 52 3.01 2.10 2.07
C LEU A 52 3.95 1.00 2.60
N LEU A 53 4.76 1.35 3.59
CA LEU A 53 5.69 0.38 4.20
C LEU A 53 4.98 -0.93 4.56
N LEU A 54 3.66 -0.94 4.46
CA LEU A 54 2.89 -2.12 4.82
C LEU A 54 3.31 -3.32 3.98
N LEU A 55 3.28 -3.15 2.66
CA LEU A 55 3.66 -4.23 1.76
C LEU A 55 5.15 -4.52 1.85
N ALA A 56 5.96 -3.47 1.71
CA ALA A 56 7.40 -3.62 1.78
C ALA A 56 7.84 -4.06 3.17
N LEU A 57 7.04 -3.70 4.18
CA LEU A 57 7.36 -4.05 5.56
C LEU A 57 6.07 -4.32 6.38
N PRO A 58 5.70 -5.58 6.55
CA PRO A 58 4.46 -5.96 7.32
C PRO A 58 4.37 -5.25 8.67
N PRO A 59 3.38 -5.58 9.48
CA PRO A 59 3.18 -4.96 10.82
C PRO A 59 4.42 -5.07 11.70
N ARG A 60 5.24 -6.09 11.44
CA ARG A 60 6.45 -6.30 12.21
C ARG A 60 7.18 -4.98 12.43
N ALA A 61 6.92 -4.01 11.55
CA ALA A 61 7.54 -2.69 11.64
C ALA A 61 6.53 -1.66 12.12
N TYR A 62 7.00 -0.43 12.33
CA TYR A 62 6.13 0.64 12.78
C TYR A 62 6.76 2.00 12.49
N ALA A 63 7.54 2.07 11.42
CA ALA A 63 8.20 3.32 11.05
C ALA A 63 7.18 4.34 10.57
N ALA A 1 12.92 -8.48 12.97
CA ALA A 1 14.22 -8.66 12.28
C ALA A 1 13.99 -9.01 10.82
N LEU A 2 12.72 -9.05 10.42
CA LEU A 2 12.36 -9.38 9.03
C LEU A 2 12.10 -8.10 8.24
N GLU A 3 12.80 -7.97 7.11
CA GLU A 3 12.63 -6.78 6.26
C GLU A 3 11.53 -7.03 5.23
N ASN A 4 11.74 -6.54 4.00
CA ASN A 4 10.77 -6.71 2.94
C ASN A 4 11.00 -8.03 2.19
N LEU A 5 11.96 -8.81 2.66
CA LEU A 5 12.27 -10.09 2.02
C LEU A 5 11.14 -11.10 2.22
N VAL A 6 11.17 -11.79 3.35
CA VAL A 6 10.15 -12.81 3.66
C VAL A 6 8.75 -12.32 3.23
N VAL A 7 8.40 -11.14 3.67
CA VAL A 7 7.08 -10.57 3.34
C VAL A 7 6.70 -10.87 1.87
N LEU A 8 7.71 -10.98 1.01
CA LEU A 8 7.45 -11.23 -0.42
C LEU A 8 6.62 -12.50 -0.62
N ASN A 9 7.25 -13.65 -0.37
CA ASN A 9 6.56 -14.93 -0.53
C ASN A 9 5.49 -15.11 0.54
N ALA A 10 5.78 -14.60 1.73
CA ALA A 10 4.83 -14.72 2.83
C ALA A 10 3.53 -13.97 2.50
N ALA A 11 3.66 -12.72 2.05
CA ALA A 11 2.48 -11.93 1.71
C ALA A 11 1.74 -12.54 0.52
N SER A 12 2.50 -13.04 -0.45
CA SER A 12 1.91 -13.64 -1.63
C SER A 12 1.08 -14.87 -1.25
N VAL A 13 1.67 -15.72 -0.42
CA VAL A 13 0.98 -16.93 0.02
C VAL A 13 -0.08 -16.59 1.07
N ALA A 14 0.28 -15.76 2.02
CA ALA A 14 -0.64 -15.37 3.08
C ALA A 14 -1.93 -14.83 2.50
N GLY A 15 -1.82 -13.77 1.70
CA GLY A 15 -2.99 -13.16 1.08
C GLY A 15 -3.60 -12.08 1.98
N ALA A 16 -3.05 -11.96 3.19
CA ALA A 16 -3.54 -10.96 4.14
C ALA A 16 -3.29 -9.54 3.62
N HIS A 17 -2.15 -9.36 2.96
CA HIS A 17 -1.78 -8.05 2.42
C HIS A 17 -2.39 -7.88 1.02
N GLY A 18 -3.34 -8.74 0.68
CA GLY A 18 -3.99 -8.66 -0.62
C GLY A 18 -4.74 -7.35 -0.78
N ILE A 19 -5.59 -7.05 0.21
CA ILE A 19 -6.37 -5.82 0.19
C ILE A 19 -5.47 -4.60 0.32
N LEU A 20 -4.47 -4.73 1.19
CA LEU A 20 -3.53 -3.64 1.42
C LEU A 20 -2.67 -3.43 0.18
N SER A 21 -2.23 -4.52 -0.43
CA SER A 21 -1.40 -4.45 -1.62
C SER A 21 -2.18 -3.84 -2.77
N PHE A 22 -3.42 -4.28 -2.95
CA PHE A 22 -4.26 -3.75 -4.02
C PHE A 22 -4.60 -2.27 -3.76
N LEU A 23 -4.59 -1.88 -2.49
CA LEU A 23 -4.93 -0.50 -2.12
C LEU A 23 -3.95 0.49 -2.75
N VAL A 24 -2.67 0.15 -2.77
CA VAL A 24 -1.66 1.03 -3.35
C VAL A 24 -1.78 1.04 -4.87
N PHE A 25 -2.14 -0.11 -5.43
CA PHE A 25 -2.28 -0.23 -6.88
C PHE A 25 -3.47 0.61 -7.37
N PHE A 26 -4.59 0.48 -6.68
CA PHE A 26 -5.79 1.23 -7.06
C PHE A 26 -5.49 2.72 -7.11
N SER A 27 -4.54 3.17 -6.29
CA SER A 27 -4.17 4.58 -6.26
C SER A 27 -3.74 5.03 -7.64
N ALA A 28 -3.07 4.15 -8.36
CA ALA A 28 -2.62 4.47 -9.71
C ALA A 28 -3.80 4.65 -10.66
N ALA A 29 -4.82 3.79 -10.49
CA ALA A 29 -6.01 3.86 -11.33
C ALA A 29 -6.55 5.29 -11.37
N TRP A 30 -6.43 5.98 -10.24
CA TRP A 30 -6.89 7.36 -10.14
C TRP A 30 -5.89 8.29 -10.80
N TYR A 31 -4.60 7.96 -10.69
CA TYR A 31 -3.55 8.77 -11.28
C TYR A 31 -3.68 8.78 -12.80
N ILE A 32 -3.89 7.61 -13.38
CA ILE A 32 -4.03 7.48 -14.83
C ILE A 32 -5.34 8.12 -15.29
N LYS A 33 -6.40 7.88 -14.51
CA LYS A 33 -7.71 8.42 -14.87
C LYS A 33 -7.69 9.95 -14.82
N GLY A 34 -7.12 10.49 -13.74
CA GLY A 34 -7.03 11.94 -13.59
C GLY A 34 -8.24 12.48 -12.82
N ARG A 35 -9.04 11.57 -12.29
CA ARG A 35 -10.22 11.97 -11.53
C ARG A 35 -9.81 12.50 -10.16
N LEU A 36 -8.61 12.15 -9.73
CA LEU A 36 -8.11 12.58 -8.44
C LEU A 36 -8.21 14.10 -8.30
N ALA A 37 -8.68 14.77 -9.35
CA ALA A 37 -8.84 16.23 -9.33
C ALA A 37 -9.35 16.69 -7.95
N PRO A 38 -9.24 17.96 -7.68
CA PRO A 38 -9.71 18.53 -6.39
C PRO A 38 -11.04 17.93 -5.94
N GLY A 39 -11.07 17.40 -4.72
CA GLY A 39 -12.28 16.80 -4.19
C GLY A 39 -11.98 16.02 -2.91
N ALA A 40 -12.26 14.72 -2.94
CA ALA A 40 -12.02 13.86 -1.77
C ALA A 40 -10.67 13.16 -1.89
N ALA A 41 -10.09 13.19 -3.09
CA ALA A 41 -8.80 12.55 -3.33
C ALA A 41 -7.71 13.23 -2.51
N TYR A 42 -8.04 14.36 -1.92
CA TYR A 42 -7.08 15.11 -1.10
C TYR A 42 -6.65 14.28 0.11
N ALA A 43 -7.59 13.54 0.68
CA ALA A 43 -7.30 12.72 1.85
C ALA A 43 -6.17 11.73 1.55
N PHE A 44 -6.23 11.10 0.38
CA PHE A 44 -5.21 10.14 -0.01
C PHE A 44 -3.85 10.81 -0.13
N TYR A 45 -3.70 11.67 -1.13
CA TYR A 45 -2.44 12.38 -1.35
C TYR A 45 -1.94 12.97 -0.03
N GLY A 46 -2.85 13.13 0.91
CA GLY A 46 -2.51 13.68 2.21
C GLY A 46 -1.56 12.75 2.97
N VAL A 47 -1.72 11.44 2.73
CA VAL A 47 -0.88 10.44 3.38
C VAL A 47 -0.66 9.25 2.45
N TRP A 48 0.26 9.40 1.49
CA TRP A 48 0.56 8.32 0.56
C TRP A 48 1.57 7.35 1.18
N PRO A 49 2.55 7.85 1.90
CA PRO A 49 3.59 7.00 2.55
C PRO A 49 3.00 6.01 3.54
N LEU A 50 1.67 6.00 3.63
CA LEU A 50 0.99 5.08 4.55
C LEU A 50 1.12 3.65 4.06
N LEU A 51 0.93 3.45 2.76
CA LEU A 51 1.02 2.10 2.17
C LEU A 51 2.45 1.75 1.85
N LEU A 52 3.30 2.77 1.72
CA LEU A 52 4.71 2.55 1.40
C LEU A 52 5.41 1.85 2.57
N LEU A 53 5.33 2.46 3.75
CA LEU A 53 5.97 1.90 4.94
C LEU A 53 5.22 0.67 5.44
N LEU A 54 3.89 0.71 5.36
CA LEU A 54 3.06 -0.37 5.85
C LEU A 54 3.30 -1.65 5.03
N LEU A 55 3.35 -1.51 3.72
CA LEU A 55 3.57 -2.65 2.85
C LEU A 55 5.01 -3.12 2.93
N ALA A 56 5.92 -2.17 3.10
CA ALA A 56 7.34 -2.48 3.18
C ALA A 56 7.58 -3.68 4.09
N LEU A 57 6.76 -3.77 5.15
CA LEU A 57 6.90 -4.87 6.11
C LEU A 57 5.57 -5.11 6.85
N PRO A 58 5.35 -6.32 7.32
CA PRO A 58 4.11 -6.68 8.06
C PRO A 58 4.03 -5.96 9.43
N PRO A 59 2.86 -5.94 10.03
CA PRO A 59 2.66 -5.30 11.36
C PRO A 59 3.72 -5.71 12.37
N ARG A 60 4.29 -6.90 12.18
CA ARG A 60 5.32 -7.40 13.08
C ARG A 60 6.48 -6.42 13.16
N ALA A 61 7.27 -6.35 12.09
CA ALA A 61 8.40 -5.45 12.04
C ALA A 61 7.93 -4.00 11.97
N TYR A 62 8.88 -3.08 11.83
CA TYR A 62 8.55 -1.66 11.75
C TYR A 62 9.72 -0.87 11.16
N ALA A 63 9.43 -0.07 10.14
CA ALA A 63 10.47 0.74 9.49
C ALA A 63 11.72 -0.09 9.26
#